data_5UF1
#
_entry.id   5UF1
#
_cell.length_a   87.124
_cell.length_b   78.968
_cell.length_c   83.420
_cell.angle_alpha   90.000
_cell.angle_beta   90.000
_cell.angle_gamma   90.000
#
_symmetry.space_group_name_H-M   'P 21 21 2'
#
loop_
_entity.id
_entity.type
_entity.pdbx_description
1 polymer O13
2 branched alpha-L-fucopyranose-(1-2)-beta-D-galactopyranose-(1-4)-2-acetamido-2-deoxy-beta-D-glucopyranose
3 non-polymer 'CHLORIDE ION'
4 water water
#
_entity_poly.entity_id   1
_entity_poly.type   'polypeptide(L)'
_entity_poly.pdbx_seq_one_letter_code
;HHHHHHCPSQCSCSGTTVNCKSKSLASVPAGIPTTTRVLYLNDNQITKLEPGVFDRLVNLQTLWLNNNQLTSLPAGLFDS
LTQLTILALDSNQLQALPVGVFGRLVDLQQLYLGSNQLSALPSAVFDRLVHLKELLMCCNKLTELPRGIERLTHLTHLAL
DQNQLKSIPHGAFDRLSSLTHAYLFGNPWDCECRDIMYLRNWVADHTSIVMRWDGKAVNDPDSAKCAGTNTPVRAVTEAS
TSPSKCP
;
_entity_poly.pdbx_strand_id   B,A
#
# COMPACT_ATOMS: atom_id res chain seq x y z
N CYS A 7 26.36 33.70 14.85
CA CYS A 7 26.30 32.24 14.92
C CYS A 7 26.76 31.74 16.28
N PRO A 8 25.98 30.84 16.89
CA PRO A 8 26.35 30.32 18.22
C PRO A 8 27.68 29.58 18.17
N SER A 9 28.49 29.78 19.21
CA SER A 9 29.85 29.26 19.24
C SER A 9 29.90 27.77 18.92
N GLN A 10 29.02 26.99 19.54
CA GLN A 10 29.06 25.53 19.44
C GLN A 10 28.47 25.01 18.13
N CYS A 11 27.91 25.87 17.29
CA CYS A 11 27.26 25.43 16.06
C CYS A 11 28.03 25.95 14.84
N SER A 12 27.58 25.53 13.67
CA SER A 12 28.09 26.02 12.40
C SER A 12 26.94 26.56 11.57
N CYS A 13 27.17 27.67 10.88
CA CYS A 13 26.14 28.38 10.15
C CYS A 13 26.60 28.63 8.72
N SER A 14 25.66 28.55 7.78
CA SER A 14 25.92 28.90 6.39
C SER A 14 24.61 29.36 5.77
N GLY A 15 24.59 30.57 5.24
CA GLY A 15 23.38 31.13 4.68
C GLY A 15 22.33 31.36 5.74
N THR A 16 21.22 30.64 5.67
CA THR A 16 20.15 30.74 6.66
C THR A 16 19.95 29.42 7.39
N THR A 17 20.94 28.53 7.34
CA THR A 17 20.90 27.25 8.02
C THR A 17 21.81 27.29 9.23
N VAL A 18 21.28 26.89 10.38
CA VAL A 18 22.06 26.78 11.62
C VAL A 18 22.13 25.32 12.01
N ASN A 19 23.33 24.78 12.03
CA ASN A 19 23.56 23.36 12.32
C ASN A 19 24.12 23.24 13.73
N CYS A 20 23.25 22.91 14.69
CA CYS A 20 23.65 22.58 16.05
C CYS A 20 23.48 21.09 16.33
N LYS A 21 23.51 20.27 15.30
CA LYS A 21 23.30 18.83 15.46
C LYS A 21 24.53 18.17 16.06
N SER A 22 24.30 17.25 17.00
CA SER A 22 25.34 16.39 17.57
C SER A 22 26.48 17.23 18.17
N LYS A 23 26.11 18.13 19.08
CA LYS A 23 27.06 19.02 19.72
C LYS A 23 27.05 18.89 21.23
N SER A 24 26.49 17.81 21.77
CA SER A 24 26.39 17.58 23.21
C SER A 24 25.77 18.77 23.93
N LEU A 25 24.71 19.33 23.34
CA LEU A 25 24.06 20.49 23.91
C LEU A 25 23.07 20.07 24.98
N ALA A 26 23.09 20.78 26.12
CA ALA A 26 22.13 20.56 27.19
C ALA A 26 20.92 21.49 27.10
N SER A 27 21.00 22.53 26.26
CA SER A 27 19.90 23.47 26.10
C SER A 27 20.11 24.18 24.77
N VAL A 28 19.07 24.90 24.33
CA VAL A 28 19.14 25.65 23.08
C VAL A 28 20.16 26.78 23.24
N PRO A 29 21.18 26.84 22.39
CA PRO A 29 22.20 27.89 22.56
C PRO A 29 21.68 29.26 22.20
N ALA A 30 22.29 30.27 22.81
CA ALA A 30 21.95 31.65 22.50
C ALA A 30 22.64 32.09 21.21
N GLY A 31 22.06 33.10 20.58
CA GLY A 31 22.66 33.70 19.40
C GLY A 31 22.23 33.09 18.07
N ILE A 32 21.07 32.43 18.02
CA ILE A 32 20.54 31.96 16.74
C ILE A 32 19.93 33.15 16.02
N PRO A 33 20.43 33.51 14.83
CA PRO A 33 19.96 34.73 14.17
C PRO A 33 18.49 34.64 13.77
N THR A 34 17.82 35.80 13.80
CA THR A 34 16.42 35.85 13.43
C THR A 34 16.18 35.50 11.97
N THR A 35 17.21 35.59 11.12
CA THR A 35 17.11 35.25 9.72
C THR A 35 17.14 33.74 9.47
N THR A 36 17.32 32.93 10.51
CA THR A 36 17.44 31.48 10.33
C THR A 36 16.16 30.90 9.75
N ARG A 37 16.31 30.07 8.72
CA ARG A 37 15.20 29.34 8.13
C ARG A 37 15.24 27.85 8.40
N VAL A 38 16.42 27.29 8.64
CA VAL A 38 16.59 25.87 8.93
C VAL A 38 17.44 25.76 10.19
N LEU A 39 16.89 25.08 11.21
CA LEU A 39 17.54 24.97 12.51
C LEU A 39 17.65 23.51 12.90
N TYR A 40 18.87 22.97 12.88
CA TYR A 40 19.14 21.62 13.36
C TYR A 40 19.52 21.69 14.83
N LEU A 41 18.67 21.14 15.70
CA LEU A 41 18.99 20.99 17.12
C LEU A 41 18.94 19.53 17.56
N ASN A 42 18.99 18.60 16.60
CA ASN A 42 18.77 17.20 16.88
C ASN A 42 20.04 16.52 17.36
N ASP A 43 19.86 15.35 17.98
CA ASP A 43 20.95 14.53 18.53
C ASP A 43 21.75 15.29 19.59
N ASN A 44 21.04 15.84 20.57
CA ASN A 44 21.67 16.46 21.73
C ASN A 44 20.99 15.91 22.97
N GLN A 45 21.17 16.59 24.10
CA GLN A 45 20.62 16.16 25.38
C GLN A 45 19.74 17.25 25.98
N ILE A 46 18.97 17.92 25.13
CA ILE A 46 18.07 18.97 25.59
C ILE A 46 16.94 18.32 26.37
N THR A 47 16.77 18.74 27.63
CA THR A 47 15.73 18.18 28.49
C THR A 47 14.55 19.10 28.69
N LYS A 48 14.69 20.39 28.38
CA LYS A 48 13.65 21.37 28.64
C LYS A 48 13.79 22.50 27.64
N LEU A 49 12.65 23.02 27.19
CA LEU A 49 12.61 24.18 26.30
C LEU A 49 11.91 25.32 27.04
N GLU A 50 12.60 26.44 27.17
CA GLU A 50 11.99 27.60 27.83
C GLU A 50 10.83 28.13 27.00
N PRO A 51 9.77 28.63 27.64
CA PRO A 51 8.71 29.31 26.87
C PRO A 51 9.26 30.55 26.19
N GLY A 52 8.94 30.70 24.91
CA GLY A 52 9.42 31.83 24.15
C GLY A 52 10.81 31.68 23.57
N VAL A 53 11.44 30.52 23.69
CA VAL A 53 12.79 30.33 23.18
C VAL A 53 12.82 30.50 21.67
N PHE A 54 11.72 30.18 20.98
CA PHE A 54 11.66 30.25 19.53
C PHE A 54 10.90 31.47 19.03
N ASP A 55 10.44 32.34 19.92
CA ASP A 55 9.56 33.44 19.51
C ASP A 55 10.25 34.39 18.54
N ARG A 56 11.58 34.51 18.63
CA ARG A 56 12.29 35.42 17.72
C ARG A 56 12.34 34.87 16.29
N LEU A 57 12.30 33.55 16.13
CA LEU A 57 12.68 32.90 14.88
C LEU A 57 11.47 32.77 13.95
N VAL A 58 10.91 33.92 13.57
CA VAL A 58 9.68 33.95 12.81
C VAL A 58 9.86 33.41 11.39
N ASN A 59 11.09 33.32 10.90
CA ASN A 59 11.36 32.85 9.54
C ASN A 59 11.69 31.36 9.49
N LEU A 60 11.52 30.64 10.60
CA LEU A 60 11.87 29.22 10.63
C LEU A 60 10.96 28.43 9.69
N GLN A 61 11.58 27.57 8.87
CA GLN A 61 10.82 26.70 7.98
C GLN A 61 10.96 25.21 8.31
N THR A 62 12.09 24.79 8.87
CA THR A 62 12.27 23.41 9.31
C THR A 62 12.97 23.43 10.66
N LEU A 63 12.39 22.75 11.64
CA LEU A 63 12.89 22.73 13.01
C LEU A 63 13.06 21.28 13.45
N TRP A 64 14.31 20.88 13.63
CA TRP A 64 14.66 19.50 13.97
C TRP A 64 15.01 19.44 15.46
N LEU A 65 14.08 18.91 16.25
CA LEU A 65 14.28 18.69 17.68
C LEU A 65 14.34 17.21 18.03
N ASN A 66 14.50 16.35 17.03
CA ASN A 66 14.51 14.92 17.27
C ASN A 66 15.76 14.49 18.04
N ASN A 67 15.67 13.31 18.66
CA ASN A 67 16.79 12.70 19.37
C ASN A 67 17.32 13.62 20.48
N ASN A 68 16.41 14.12 21.30
CA ASN A 68 16.78 14.80 22.53
C ASN A 68 16.13 14.09 23.72
N GLN A 69 15.96 14.79 24.84
CA GLN A 69 15.42 14.20 26.05
C GLN A 69 14.25 15.00 26.56
N LEU A 70 13.42 15.51 25.65
CA LEU A 70 12.25 16.27 26.05
C LEU A 70 11.18 15.36 26.62
N THR A 71 10.62 15.73 27.77
CA THR A 71 9.50 15.01 28.35
C THR A 71 8.19 15.77 28.26
N SER A 72 8.23 17.09 28.07
CA SER A 72 7.03 17.88 27.87
C SER A 72 7.40 19.09 27.03
N LEU A 73 6.36 19.82 26.61
CA LEU A 73 6.53 21.05 25.86
C LEU A 73 5.70 22.16 26.49
N PRO A 74 6.22 23.37 26.58
CA PRO A 74 5.41 24.48 27.07
C PRO A 74 4.40 24.92 26.03
N ALA A 75 3.23 25.33 26.51
CA ALA A 75 2.18 25.81 25.61
C ALA A 75 2.65 27.05 24.87
N GLY A 76 2.27 27.15 23.59
CA GLY A 76 2.68 28.28 22.78
C GLY A 76 4.09 28.22 22.25
N LEU A 77 4.79 27.09 22.42
CA LEU A 77 6.20 27.01 22.05
C LEU A 77 6.43 27.33 20.58
N PHE A 78 5.55 26.87 19.70
CA PHE A 78 5.72 27.04 18.26
C PHE A 78 4.82 28.11 17.66
N ASP A 79 4.18 28.94 18.50
CA ASP A 79 3.13 29.82 18.00
C ASP A 79 3.64 30.87 17.02
N SER A 80 4.91 31.25 17.14
CA SER A 80 5.47 32.26 16.25
C SER A 80 5.97 31.69 14.93
N LEU A 81 6.04 30.38 14.79
CA LEU A 81 6.68 29.74 13.64
C LEU A 81 5.65 29.40 12.56
N THR A 82 4.95 30.43 12.08
CA THR A 82 3.86 30.21 11.14
C THR A 82 4.34 29.71 9.78
N GLN A 83 5.61 29.91 9.44
CA GLN A 83 6.16 29.45 8.17
C GLN A 83 6.69 28.03 8.23
N LEU A 84 6.52 27.35 9.36
CA LEU A 84 7.10 26.03 9.55
C LEU A 84 6.42 25.00 8.64
N THR A 85 7.22 24.22 7.92
CA THR A 85 6.70 23.14 7.09
C THR A 85 7.14 21.76 7.57
N ILE A 86 8.24 21.66 8.31
CA ILE A 86 8.70 20.39 8.86
C ILE A 86 9.04 20.61 10.33
N LEU A 87 8.47 19.78 11.20
CA LEU A 87 8.76 19.82 12.63
C LEU A 87 9.04 18.39 13.08
N ALA A 88 10.25 18.17 13.62
CA ALA A 88 10.67 16.84 14.05
C ALA A 88 10.81 16.83 15.57
N LEU A 89 10.00 15.99 16.21
CA LEU A 89 10.04 15.79 17.66
C LEU A 89 10.25 14.32 18.01
N ASP A 90 10.58 13.47 17.04
CA ASP A 90 10.69 12.05 17.29
C ASP A 90 11.92 11.72 18.15
N SER A 91 11.85 10.57 18.81
CA SER A 91 12.96 10.06 19.63
C SER A 91 13.29 11.01 20.77
N ASN A 92 12.26 11.60 21.37
CA ASN A 92 12.40 12.25 22.66
C ASN A 92 11.78 11.33 23.71
N GLN A 93 11.29 11.90 24.81
CA GLN A 93 10.55 11.12 25.81
C GLN A 93 9.26 11.82 26.18
N LEU A 94 8.59 12.41 25.20
CA LEU A 94 7.37 13.19 25.45
C LEU A 94 6.27 12.30 26.02
N GLN A 95 5.81 12.63 27.23
CA GLN A 95 4.70 11.92 27.83
C GLN A 95 3.34 12.44 27.38
N ALA A 96 3.28 13.70 26.95
CA ALA A 96 2.02 14.31 26.50
C ALA A 96 2.36 15.60 25.77
N LEU A 97 1.37 16.12 25.07
CA LEU A 97 1.46 17.41 24.37
C LEU A 97 0.43 18.38 24.95
N PRO A 98 0.77 19.66 25.01
CA PRO A 98 -0.19 20.66 25.50
C PRO A 98 -1.25 20.97 24.45
N VAL A 99 -2.39 21.48 24.95
CA VAL A 99 -3.48 21.86 24.06
C VAL A 99 -3.01 22.98 23.13
N GLY A 100 -3.32 22.82 21.84
CA GLY A 100 -3.04 23.86 20.87
C GLY A 100 -1.59 24.02 20.49
N VAL A 101 -0.77 22.98 20.71
CA VAL A 101 0.67 23.12 20.52
C VAL A 101 1.01 23.34 19.04
N PHE A 102 0.21 22.80 18.13
CA PHE A 102 0.45 22.94 16.70
C PHE A 102 -0.53 23.88 16.02
N GLY A 103 -1.38 24.56 16.78
CA GLY A 103 -2.51 25.28 16.21
C GLY A 103 -2.16 26.40 15.25
N ARG A 104 -0.95 26.97 15.39
CA ARG A 104 -0.54 28.08 14.54
C ARG A 104 0.30 27.64 13.34
N LEU A 105 0.64 26.35 13.24
CA LEU A 105 1.51 25.85 12.18
C LEU A 105 0.69 25.41 10.96
N VAL A 106 -0.03 26.38 10.39
CA VAL A 106 -0.98 26.08 9.32
C VAL A 106 -0.30 25.56 8.06
N ASP A 107 0.98 25.86 7.86
CA ASP A 107 1.71 25.44 6.66
C ASP A 107 2.49 24.15 6.87
N LEU A 108 2.30 23.47 8.01
CA LEU A 108 3.06 22.28 8.31
C LEU A 108 2.77 21.17 7.31
N GLN A 109 3.83 20.52 6.82
CA GLN A 109 3.72 19.43 5.87
C GLN A 109 4.16 18.08 6.41
N GLN A 110 5.15 18.06 7.32
CA GLN A 110 5.64 16.83 7.92
C GLN A 110 5.74 17.03 9.43
N LEU A 111 5.16 16.10 10.19
CA LEU A 111 5.18 16.14 11.64
C LEU A 111 5.67 14.80 12.15
N TYR A 112 6.80 14.79 12.84
CA TYR A 112 7.42 13.58 13.38
C TYR A 112 7.20 13.55 14.88
N LEU A 113 6.48 12.53 15.36
CA LEU A 113 6.23 12.35 16.78
C LEU A 113 6.57 10.94 17.26
N GLY A 114 7.19 10.12 16.41
CA GLY A 114 7.45 8.75 16.76
C GLY A 114 8.49 8.59 17.85
N SER A 115 8.51 7.40 18.43
CA SER A 115 9.53 7.01 19.42
C SER A 115 9.53 7.95 20.63
N ASN A 116 8.34 8.27 21.12
CA ASN A 116 8.19 9.01 22.37
C ASN A 116 7.45 8.14 23.38
N GLN A 117 6.82 8.75 24.37
CA GLN A 117 6.04 8.02 25.35
C GLN A 117 4.59 8.51 25.37
N LEU A 118 4.08 8.95 24.23
CA LEU A 118 2.73 9.47 24.14
C LEU A 118 1.72 8.34 24.21
N SER A 119 0.74 8.47 25.11
CA SER A 119 -0.37 7.54 25.19
C SER A 119 -1.66 8.11 24.64
N ALA A 120 -1.71 9.41 24.37
CA ALA A 120 -2.87 10.05 23.76
C ALA A 120 -2.44 11.42 23.27
N LEU A 121 -3.34 12.07 22.54
CA LEU A 121 -3.12 13.42 22.05
C LEU A 121 -4.32 14.29 22.40
N PRO A 122 -4.12 15.60 22.52
CA PRO A 122 -5.27 16.51 22.68
C PRO A 122 -6.25 16.36 21.53
N SER A 123 -7.53 16.65 21.83
CA SER A 123 -8.59 16.30 20.90
C SER A 123 -8.48 17.07 19.58
N ALA A 124 -8.05 18.32 19.63
CA ALA A 124 -7.95 19.17 18.45
C ALA A 124 -6.50 19.36 17.98
N VAL A 125 -5.63 18.39 18.26
CA VAL A 125 -4.19 18.58 18.06
C VAL A 125 -3.85 18.84 16.60
N PHE A 126 -4.58 18.22 15.66
CA PHE A 126 -4.28 18.33 14.24
C PHE A 126 -5.27 19.21 13.48
N ASP A 127 -6.20 19.86 14.18
CA ASP A 127 -7.35 20.46 13.50
C ASP A 127 -6.96 21.57 12.54
N ARG A 128 -5.85 22.27 12.78
CA ARG A 128 -5.43 23.39 11.95
C ARG A 128 -4.38 23.03 10.91
N LEU A 129 -3.89 21.78 10.90
CA LEU A 129 -2.84 21.35 9.98
C LEU A 129 -3.45 20.94 8.64
N VAL A 130 -4.02 21.93 7.95
CA VAL A 130 -4.80 21.70 6.74
C VAL A 130 -3.94 21.34 5.54
N HIS A 131 -2.62 21.28 5.71
CA HIS A 131 -1.71 20.94 4.62
C HIS A 131 -0.82 19.75 4.93
N LEU A 132 -1.08 19.04 6.02
CA LEU A 132 -0.16 18.00 6.48
C LEU A 132 -0.13 16.85 5.49
N LYS A 133 1.08 16.43 5.13
CA LYS A 133 1.28 15.31 4.20
C LYS A 133 1.86 14.07 4.87
N GLU A 134 2.63 14.23 5.94
CA GLU A 134 3.27 13.10 6.62
C GLU A 134 3.07 13.25 8.12
N LEU A 135 2.45 12.24 8.73
CA LEU A 135 2.25 12.18 10.18
C LEU A 135 2.84 10.86 10.65
N LEU A 136 3.92 10.95 11.42
CA LEU A 136 4.75 9.79 11.76
C LEU A 136 4.75 9.65 13.27
N MET A 137 4.07 8.60 13.77
CA MET A 137 3.75 8.45 15.18
C MET A 137 4.05 7.04 15.68
N CYS A 138 5.05 6.38 15.13
CA CYS A 138 5.39 5.04 15.57
C CYS A 138 5.84 5.05 17.03
N CYS A 139 5.90 3.85 17.59
CA CYS A 139 6.74 3.58 18.76
C CYS A 139 6.34 4.44 19.96
N ASN A 140 5.03 4.64 20.13
CA ASN A 140 4.49 5.31 21.31
C ASN A 140 3.62 4.32 22.08
N LYS A 141 2.71 4.84 22.91
CA LYS A 141 1.81 4.01 23.70
C LYS A 141 0.34 4.33 23.38
N LEU A 142 0.07 4.71 22.13
CA LEU A 142 -1.29 5.05 21.73
C LEU A 142 -2.19 3.83 21.83
N THR A 143 -3.32 3.99 22.53
CA THR A 143 -4.31 2.93 22.65
C THR A 143 -5.55 3.16 21.79
N GLU A 144 -5.74 4.38 21.28
CA GLU A 144 -6.82 4.70 20.36
C GLU A 144 -6.29 5.59 19.26
N LEU A 145 -6.93 5.52 18.10
CA LEU A 145 -6.57 6.40 17.00
C LEU A 145 -6.88 7.83 17.41
N PRO A 146 -5.92 8.74 17.39
CA PRO A 146 -6.21 10.14 17.73
C PRO A 146 -7.28 10.72 16.83
N ARG A 147 -8.29 11.32 17.44
CA ARG A 147 -9.32 12.01 16.67
C ARG A 147 -8.71 13.18 15.91
N GLY A 148 -9.18 13.38 14.68
CA GLY A 148 -8.67 14.41 13.81
C GLY A 148 -7.84 13.89 12.66
N ILE A 149 -7.25 12.69 12.79
CA ILE A 149 -6.54 12.08 11.67
C ILE A 149 -7.49 11.82 10.51
N GLU A 150 -8.77 11.56 10.81
CA GLU A 150 -9.76 11.31 9.76
C GLU A 150 -9.90 12.46 8.78
N ARG A 151 -9.53 13.68 9.17
CA ARG A 151 -9.72 14.86 8.35
C ARG A 151 -8.45 15.31 7.65
N LEU A 152 -7.31 14.64 7.89
CA LEU A 152 -6.04 14.99 7.25
C LEU A 152 -5.99 14.36 5.86
N THR A 153 -6.79 14.92 4.96
CA THR A 153 -7.05 14.30 3.66
C THR A 153 -5.85 14.35 2.72
N HIS A 154 -4.83 15.16 3.01
CA HIS A 154 -3.67 15.26 2.16
C HIS A 154 -2.53 14.35 2.59
N LEU A 155 -2.76 13.50 3.59
CA LEU A 155 -1.72 12.61 4.07
C LEU A 155 -1.29 11.63 2.99
N THR A 156 0.02 11.54 2.78
CA THR A 156 0.61 10.47 2.00
C THR A 156 1.30 9.42 2.85
N HIS A 157 1.76 9.82 4.04
CA HIS A 157 2.42 8.92 4.98
C HIS A 157 1.72 8.99 6.32
N LEU A 158 1.27 7.84 6.83
CA LEU A 158 0.70 7.72 8.16
C LEU A 158 1.36 6.53 8.83
N ALA A 159 2.13 6.79 9.89
CA ALA A 159 2.86 5.75 10.61
C ALA A 159 2.25 5.59 12.00
N LEU A 160 1.60 4.46 12.23
CA LEU A 160 1.02 4.14 13.54
C LEU A 160 1.62 2.87 14.13
N ASP A 161 2.73 2.38 13.58
CA ASP A 161 3.26 1.09 13.98
C ASP A 161 3.80 1.12 15.41
N GLN A 162 3.79 -0.05 16.04
CA GLN A 162 4.40 -0.26 17.35
C GLN A 162 3.79 0.63 18.42
N ASN A 163 2.45 0.69 18.42
CA ASN A 163 1.68 1.30 19.48
C ASN A 163 0.90 0.20 20.21
N GLN A 164 -0.22 0.56 20.84
CA GLN A 164 -1.06 -0.39 21.55
C GLN A 164 -2.49 -0.36 21.02
N LEU A 165 -2.63 -0.13 19.72
CA LEU A 165 -3.95 -0.05 19.09
C LEU A 165 -4.54 -1.43 18.91
N LYS A 166 -5.84 -1.55 19.24
CA LYS A 166 -6.56 -2.81 19.07
C LYS A 166 -7.60 -2.77 17.95
N SER A 167 -7.98 -1.58 17.50
CA SER A 167 -8.87 -1.45 16.35
C SER A 167 -8.75 -0.02 15.82
N ILE A 168 -9.38 0.20 14.66
CA ILE A 168 -9.46 1.51 14.04
C ILE A 168 -10.94 1.88 13.96
N PRO A 169 -11.34 3.06 14.40
CA PRO A 169 -12.76 3.42 14.34
C PRO A 169 -13.30 3.35 12.91
N HIS A 170 -14.56 2.95 12.80
CA HIS A 170 -15.18 2.75 11.49
C HIS A 170 -15.07 4.00 10.64
N GLY A 171 -14.61 3.84 9.40
CA GLY A 171 -14.53 4.94 8.46
C GLY A 171 -13.37 5.89 8.66
N ALA A 172 -12.46 5.61 9.59
CA ALA A 172 -11.45 6.59 9.97
C ALA A 172 -10.48 6.90 8.82
N PHE A 173 -10.20 5.93 7.96
CA PHE A 173 -9.24 6.10 6.89
C PHE A 173 -9.89 6.40 5.54
N ASP A 174 -11.22 6.49 5.49
CA ASP A 174 -11.92 6.49 4.21
C ASP A 174 -11.64 7.75 3.38
N ARG A 175 -11.32 8.87 4.03
CA ARG A 175 -11.07 10.12 3.32
C ARG A 175 -9.58 10.36 3.06
N LEU A 176 -8.72 9.44 3.44
CA LEU A 176 -7.28 9.60 3.23
C LEU A 176 -6.87 8.99 1.88
N SER A 177 -7.43 9.57 0.82
CA SER A 177 -7.30 9.03 -0.53
C SER A 177 -5.93 9.27 -1.15
N SER A 178 -5.07 10.06 -0.51
CA SER A 178 -3.72 10.29 -1.01
C SER A 178 -2.67 9.42 -0.34
N LEU A 179 -3.08 8.52 0.56
CA LEU A 179 -2.12 7.70 1.28
C LEU A 179 -1.33 6.81 0.31
N THR A 180 0.00 6.83 0.46
CA THR A 180 0.87 5.90 -0.22
C THR A 180 1.63 4.98 0.74
N HIS A 181 1.76 5.37 2.00
CA HIS A 181 2.47 4.59 3.00
C HIS A 181 1.64 4.56 4.28
N ALA A 182 1.19 3.37 4.67
CA ALA A 182 0.45 3.18 5.92
C ALA A 182 1.15 2.10 6.71
N TYR A 183 1.54 2.42 7.94
CA TYR A 183 2.26 1.50 8.82
C TYR A 183 1.34 1.10 9.97
N LEU A 184 1.07 -0.19 10.08
CA LEU A 184 0.13 -0.71 11.08
C LEU A 184 0.69 -1.85 11.92
N PHE A 185 1.89 -2.35 11.62
CA PHE A 185 2.44 -3.50 12.33
C PHE A 185 2.77 -3.14 13.77
N GLY A 186 3.05 -4.16 14.56
CA GLY A 186 3.45 -3.95 15.94
C GLY A 186 2.34 -3.49 16.85
N ASN A 187 1.08 -3.63 16.44
CA ASN A 187 -0.05 -3.33 17.29
C ASN A 187 -0.79 -4.60 17.65
N PRO A 188 -1.33 -4.71 18.87
CA PRO A 188 -2.06 -5.91 19.29
C PRO A 188 -3.51 -5.89 18.80
N TRP A 189 -3.68 -5.94 17.48
CA TRP A 189 -5.00 -5.87 16.88
C TRP A 189 -5.89 -6.99 17.42
N ASP A 190 -7.04 -6.61 17.97
CA ASP A 190 -7.95 -7.54 18.65
C ASP A 190 -8.92 -8.10 17.62
N CYS A 191 -8.57 -9.25 17.04
CA CYS A 191 -9.35 -9.83 15.96
C CYS A 191 -10.54 -10.66 16.44
N GLU A 192 -10.70 -10.85 17.74
CA GLU A 192 -11.93 -11.44 18.25
C GLU A 192 -13.04 -10.42 18.41
N CYS A 193 -12.69 -9.14 18.54
CA CYS A 193 -13.66 -8.07 18.74
C CYS A 193 -14.25 -7.65 17.39
N ARG A 194 -15.57 -7.45 17.37
CA ARG A 194 -16.28 -7.14 16.14
C ARG A 194 -15.80 -5.83 15.51
N ASP A 195 -15.23 -4.92 16.32
CA ASP A 195 -14.75 -3.64 15.79
C ASP A 195 -13.55 -3.81 14.85
N ILE A 196 -12.91 -4.97 14.82
CA ILE A 196 -11.77 -5.18 13.93
C ILE A 196 -12.17 -5.15 12.46
N MET A 197 -13.48 -5.29 12.15
CA MET A 197 -13.88 -5.51 10.77
C MET A 197 -13.58 -4.33 9.86
N TYR A 198 -13.62 -3.09 10.37
CA TYR A 198 -13.29 -1.96 9.51
C TYR A 198 -11.84 -2.03 9.05
N LEU A 199 -10.91 -2.24 9.98
CA LEU A 199 -9.51 -2.33 9.59
C LEU A 199 -9.27 -3.51 8.65
N ARG A 200 -9.90 -4.65 8.94
CA ARG A 200 -9.83 -5.80 8.04
C ARG A 200 -10.30 -5.42 6.64
N ASN A 201 -11.48 -4.79 6.55
CA ASN A 201 -12.03 -4.45 5.23
C ASN A 201 -11.19 -3.36 4.55
N TRP A 202 -10.65 -2.42 5.31
CA TRP A 202 -9.85 -1.36 4.70
C TRP A 202 -8.54 -1.89 4.16
N VAL A 203 -7.85 -2.75 4.93
CA VAL A 203 -6.58 -3.30 4.46
C VAL A 203 -6.79 -4.14 3.20
N ALA A 204 -7.88 -4.91 3.16
CA ALA A 204 -8.14 -5.74 1.98
C ALA A 204 -8.34 -4.89 0.72
N ASP A 205 -8.82 -3.66 0.87
CA ASP A 205 -9.01 -2.76 -0.25
C ASP A 205 -7.81 -1.86 -0.52
N HIS A 206 -6.77 -1.91 0.31
CA HIS A 206 -5.63 -1.00 0.20
C HIS A 206 -4.33 -1.77 0.42
N THR A 207 -4.19 -2.90 -0.26
CA THR A 207 -3.05 -3.78 -0.02
C THR A 207 -1.74 -3.16 -0.49
N SER A 208 -1.77 -2.29 -1.50
CA SER A 208 -0.55 -1.74 -2.08
C SER A 208 0.08 -0.64 -1.26
N ILE A 209 -0.61 -0.11 -0.23
CA ILE A 209 -0.09 1.01 0.54
C ILE A 209 0.22 0.65 1.98
N VAL A 210 -0.07 -0.58 2.41
CA VAL A 210 0.25 -1.00 3.78
C VAL A 210 1.70 -1.47 3.81
N MET A 211 2.51 -0.84 4.66
CA MET A 211 3.95 -1.04 4.67
C MET A 211 4.42 -1.57 6.02
N ARG A 212 5.49 -2.36 5.98
CA ARG A 212 6.29 -2.65 7.15
C ARG A 212 7.66 -1.98 6.98
N TRP A 213 8.52 -2.15 7.98
CA TRP A 213 9.79 -1.44 8.03
C TRP A 213 10.92 -2.41 8.36
N ASP A 214 11.86 -2.58 7.42
CA ASP A 214 13.11 -3.29 7.69
C ASP A 214 14.25 -2.35 7.34
N GLY A 215 14.36 -1.23 8.05
CA GLY A 215 15.29 -0.18 7.68
C GLY A 215 14.76 0.73 6.61
N LYS A 216 13.72 0.31 5.90
CA LYS A 216 13.04 1.10 4.88
C LYS A 216 11.66 0.51 4.65
N ALA A 217 10.86 1.21 3.85
CA ALA A 217 9.48 0.79 3.60
C ALA A 217 9.46 -0.49 2.77
N VAL A 218 8.63 -1.44 3.19
CA VAL A 218 8.40 -2.68 2.46
C VAL A 218 6.90 -2.95 2.43
N ASN A 219 6.34 -3.08 1.24
CA ASN A 219 4.91 -3.35 1.10
C ASN A 219 4.56 -4.71 1.69
N ASP A 220 3.70 -4.71 2.69
CA ASP A 220 3.27 -5.97 3.32
C ASP A 220 1.92 -5.78 3.99
N PRO A 221 0.82 -6.04 3.27
CA PRO A 221 -0.51 -5.87 3.88
C PRO A 221 -0.78 -6.86 5.00
N ASP A 222 0.00 -7.93 5.10
CA ASP A 222 -0.13 -8.91 6.16
C ASP A 222 0.64 -8.54 7.42
N SER A 223 1.35 -7.41 7.43
CA SER A 223 2.15 -7.04 8.59
C SER A 223 1.27 -6.61 9.76
N ALA A 224 0.02 -6.24 9.50
CA ALA A 224 -0.95 -6.04 10.57
C ALA A 224 -1.44 -7.40 11.03
N LYS A 225 -1.04 -7.79 12.24
CA LYS A 225 -1.26 -9.13 12.74
C LYS A 225 -2.22 -9.13 13.93
N CYS A 226 -2.97 -10.22 14.05
CA CYS A 226 -3.87 -10.39 15.17
C CYS A 226 -3.06 -10.72 16.43
N ALA A 227 -3.40 -10.08 17.54
CA ALA A 227 -2.73 -10.38 18.80
C ALA A 227 -2.99 -11.82 19.20
N GLY A 228 -1.98 -12.45 19.79
CA GLY A 228 -2.07 -13.82 20.27
C GLY A 228 -1.77 -14.86 19.21
N THR A 229 -2.17 -14.60 17.97
CA THR A 229 -1.87 -15.46 16.85
C THR A 229 -0.87 -14.76 15.93
N ASN A 230 -0.50 -15.46 14.86
CA ASN A 230 0.32 -14.87 13.80
C ASN A 230 -0.43 -14.79 12.48
N THR A 231 -1.77 -14.67 12.54
CA THR A 231 -2.44 -14.57 11.26
C THR A 231 -2.77 -13.11 10.94
N PRO A 232 -2.76 -12.78 9.66
CA PRO A 232 -2.98 -11.37 9.25
C PRO A 232 -4.40 -10.89 9.55
N VAL A 233 -4.49 -9.61 9.89
CA VAL A 233 -5.78 -9.01 10.19
C VAL A 233 -6.70 -9.10 8.96
N ARG A 234 -6.14 -8.96 7.76
CA ARG A 234 -6.98 -8.93 6.57
C ARG A 234 -7.61 -10.27 6.24
N ALA A 235 -7.16 -11.35 6.88
CA ALA A 235 -7.74 -12.67 6.65
C ALA A 235 -8.91 -12.99 7.58
N VAL A 236 -9.23 -12.11 8.53
CA VAL A 236 -10.27 -12.40 9.52
C VAL A 236 -11.64 -12.43 8.84
N THR A 237 -12.44 -13.42 9.20
CA THR A 237 -13.83 -13.51 8.76
C THR A 237 -14.73 -12.91 9.83
N GLU A 238 -15.76 -12.18 9.37
CA GLU A 238 -16.66 -11.49 10.30
C GLU A 238 -17.32 -12.47 11.27
N ALA A 239 -17.66 -13.67 10.79
CA ALA A 239 -18.35 -14.64 11.63
C ALA A 239 -17.52 -15.07 12.84
N SER A 240 -16.19 -14.93 12.77
CA SER A 240 -15.33 -15.29 13.88
C SER A 240 -15.24 -14.19 14.93
N THR A 241 -15.85 -13.04 14.70
CA THR A 241 -15.80 -11.92 15.62
C THR A 241 -17.15 -11.78 16.34
N SER A 242 -17.12 -11.06 17.47
CA SER A 242 -18.31 -10.86 18.28
C SER A 242 -18.23 -9.50 18.95
N PRO A 243 -19.35 -8.77 19.04
CA PRO A 243 -19.34 -7.51 19.80
C PRO A 243 -19.07 -7.68 21.28
N SER A 244 -19.32 -8.87 21.84
CA SER A 244 -19.18 -9.10 23.26
C SER A 244 -17.74 -9.33 23.70
N LYS A 245 -16.81 -9.52 22.76
CA LYS A 245 -15.40 -9.76 23.08
C LYS A 245 -14.56 -8.53 22.78
N CYS A 246 -15.11 -7.34 23.02
CA CYS A 246 -14.43 -6.09 22.79
C CYS A 246 -14.03 -5.46 24.12
N PRO A 247 -12.78 -5.00 24.27
CA PRO A 247 -12.12 -4.46 25.47
C PRO A 247 -13.06 -3.83 26.50
N CYS B 7 -2.99 -28.47 12.30
CA CYS B 7 -2.14 -27.43 11.72
C CYS B 7 -0.74 -27.96 11.41
N PRO B 8 -0.25 -27.70 10.19
CA PRO B 8 1.08 -28.18 9.82
C PRO B 8 2.15 -27.56 10.70
N SER B 9 3.14 -28.40 11.07
CA SER B 9 4.17 -27.99 12.02
C SER B 9 4.86 -26.69 11.61
N GLN B 10 5.22 -26.56 10.34
CA GLN B 10 5.99 -25.40 9.89
C GLN B 10 5.15 -24.13 9.75
N CYS B 11 3.84 -24.21 9.93
CA CYS B 11 2.95 -23.07 9.75
C CYS B 11 2.32 -22.69 11.09
N SER B 12 1.56 -21.60 11.07
CA SER B 12 0.75 -21.17 12.20
C SER B 12 -0.69 -21.01 11.73
N CYS B 13 -1.63 -21.44 12.58
CA CYS B 13 -3.04 -21.46 12.24
C CYS B 13 -3.84 -20.80 13.35
N SER B 14 -4.92 -20.11 12.95
CA SER B 14 -5.86 -19.55 13.91
C SER B 14 -7.23 -19.47 13.25
N GLY B 15 -8.23 -20.09 13.87
CA GLY B 15 -9.56 -20.07 13.29
C GLY B 15 -9.60 -20.82 11.98
N THR B 16 -9.81 -20.09 10.88
CA THR B 16 -9.86 -20.67 9.54
C THR B 16 -8.74 -20.15 8.64
N THR B 17 -7.70 -19.56 9.22
CA THR B 17 -6.55 -19.05 8.47
C THR B 17 -5.34 -19.93 8.72
N VAL B 18 -4.70 -20.37 7.65
CA VAL B 18 -3.45 -21.13 7.72
C VAL B 18 -2.35 -20.27 7.11
N ASN B 19 -1.36 -19.91 7.93
CA ASN B 19 -0.27 -19.02 7.50
C ASN B 19 0.99 -19.87 7.30
N CYS B 20 1.25 -20.24 6.04
CA CYS B 20 2.51 -20.86 5.66
C CYS B 20 3.38 -19.92 4.84
N LYS B 21 3.17 -18.62 4.98
CA LYS B 21 3.91 -17.63 4.21
C LYS B 21 5.33 -17.49 4.75
N SER B 22 6.29 -17.41 3.83
CA SER B 22 7.69 -17.13 4.16
C SER B 22 8.22 -18.15 5.17
N LYS B 23 8.11 -19.42 4.81
CA LYS B 23 8.52 -20.52 5.69
C LYS B 23 9.56 -21.43 5.02
N SER B 24 10.21 -20.96 3.97
CA SER B 24 11.21 -21.73 3.23
C SER B 24 10.67 -23.11 2.84
N LEU B 25 9.41 -23.15 2.39
CA LEU B 25 8.78 -24.40 2.01
C LEU B 25 9.17 -24.79 0.60
N ALA B 26 9.53 -26.06 0.41
CA ALA B 26 9.78 -26.61 -0.92
C ALA B 26 8.54 -27.27 -1.52
N SER B 27 7.51 -27.50 -0.72
CA SER B 27 6.29 -28.14 -1.19
C SER B 27 5.17 -27.81 -0.22
N VAL B 28 3.93 -28.08 -0.64
CA VAL B 28 2.76 -27.86 0.20
C VAL B 28 2.79 -28.85 1.36
N PRO B 29 2.76 -28.38 2.60
CA PRO B 29 2.83 -29.30 3.74
C PRO B 29 1.54 -30.09 3.89
N ALA B 30 1.67 -31.28 4.48
CA ALA B 30 0.52 -32.10 4.77
C ALA B 30 -0.15 -31.62 6.05
N GLY B 31 -1.45 -31.94 6.18
CA GLY B 31 -2.18 -31.62 7.38
C GLY B 31 -2.87 -30.27 7.39
N ILE B 32 -3.14 -29.69 6.23
CA ILE B 32 -3.91 -28.45 6.17
C ILE B 32 -5.37 -28.80 6.43
N PRO B 33 -5.98 -28.25 7.47
CA PRO B 33 -7.33 -28.68 7.85
C PRO B 33 -8.36 -28.36 6.78
N THR B 34 -9.36 -29.25 6.67
CA THR B 34 -10.42 -29.05 5.68
C THR B 34 -11.26 -27.82 5.99
N THR B 35 -11.21 -27.32 7.23
CA THR B 35 -11.96 -26.14 7.63
C THR B 35 -11.31 -24.84 7.16
N THR B 36 -10.15 -24.89 6.51
CA THR B 36 -9.43 -23.69 6.14
C THR B 36 -10.22 -22.85 5.14
N ARG B 37 -10.29 -21.55 5.40
CA ARG B 37 -10.86 -20.59 4.45
C ARG B 37 -9.83 -19.69 3.80
N VAL B 38 -8.71 -19.43 4.46
CA VAL B 38 -7.64 -18.60 3.92
C VAL B 38 -6.34 -19.36 4.06
N LEU B 39 -5.62 -19.55 2.96
CA LEU B 39 -4.40 -20.35 2.92
C LEU B 39 -3.27 -19.53 2.33
N TYR B 40 -2.30 -19.16 3.17
CA TYR B 40 -1.09 -18.49 2.73
C TYR B 40 -0.04 -19.54 2.41
N LEU B 41 0.31 -19.68 1.13
CA LEU B 41 1.44 -20.50 0.72
C LEU B 41 2.47 -19.67 -0.04
N ASN B 42 2.40 -18.36 0.07
CA ASN B 42 3.20 -17.46 -0.75
C ASN B 42 4.58 -17.22 -0.14
N ASP B 43 5.50 -16.74 -0.98
CA ASP B 43 6.87 -16.44 -0.60
C ASP B 43 7.58 -17.70 -0.07
N ASN B 44 7.52 -18.77 -0.87
CA ASN B 44 8.25 -19.99 -0.57
C ASN B 44 8.97 -20.39 -1.85
N GLN B 45 9.39 -21.65 -1.92
CA GLN B 45 10.14 -22.17 -3.07
C GLN B 45 9.45 -23.39 -3.67
N ILE B 46 8.12 -23.37 -3.69
CA ILE B 46 7.36 -24.48 -4.25
C ILE B 46 7.54 -24.49 -5.76
N THR B 47 8.01 -25.61 -6.30
CA THR B 47 8.24 -25.77 -7.72
C THR B 47 7.18 -26.63 -8.41
N LYS B 48 6.38 -27.37 -7.64
CA LYS B 48 5.43 -28.30 -8.21
C LYS B 48 4.24 -28.47 -7.28
N LEU B 49 3.05 -28.56 -7.87
CA LEU B 49 1.82 -28.83 -7.13
C LEU B 49 1.28 -30.16 -7.60
N GLU B 50 1.12 -31.10 -6.67
CA GLU B 50 0.59 -32.41 -7.02
C GLU B 50 -0.87 -32.27 -7.44
N PRO B 51 -1.32 -33.10 -8.39
CA PRO B 51 -2.76 -33.14 -8.69
C PRO B 51 -3.55 -33.60 -7.48
N GLY B 52 -4.61 -32.87 -7.15
CA GLY B 52 -5.42 -33.22 -6.01
C GLY B 52 -4.93 -32.71 -4.68
N VAL B 53 -3.88 -31.89 -4.65
CA VAL B 53 -3.35 -31.40 -3.39
C VAL B 53 -4.38 -30.55 -2.64
N PHE B 54 -5.27 -29.88 -3.38
CA PHE B 54 -6.26 -29.00 -2.80
C PHE B 54 -7.66 -29.59 -2.75
N ASP B 55 -7.83 -30.85 -3.18
CA ASP B 55 -9.17 -31.41 -3.33
C ASP B 55 -9.92 -31.48 -2.01
N ARG B 56 -9.20 -31.62 -0.89
CA ARG B 56 -9.86 -31.68 0.41
C ARG B 56 -10.40 -30.32 0.85
N LEU B 57 -9.79 -29.24 0.38
CA LEU B 57 -10.00 -27.91 0.96
C LEU B 57 -11.18 -27.21 0.30
N VAL B 58 -12.37 -27.83 0.45
CA VAL B 58 -13.56 -27.38 -0.25
C VAL B 58 -14.07 -26.03 0.24
N ASN B 59 -13.66 -25.59 1.43
CA ASN B 59 -14.14 -24.33 2.00
C ASN B 59 -13.18 -23.17 1.72
N LEU B 60 -12.17 -23.39 0.88
CA LEU B 60 -11.19 -22.35 0.59
C LEU B 60 -11.84 -21.15 -0.09
N GLN B 61 -11.57 -19.96 0.43
CA GLN B 61 -12.01 -18.72 -0.16
C GLN B 61 -10.89 -17.85 -0.67
N THR B 62 -9.71 -17.93 -0.07
CA THR B 62 -8.54 -17.17 -0.51
C THR B 62 -7.32 -18.08 -0.53
N LEU B 63 -6.64 -18.13 -1.67
CA LEU B 63 -5.49 -19.00 -1.87
C LEU B 63 -4.33 -18.18 -2.41
N TRP B 64 -3.28 -17.99 -1.61
CA TRP B 64 -2.13 -17.19 -2.01
C TRP B 64 -1.00 -18.14 -2.40
N LEU B 65 -0.76 -18.26 -3.70
CA LEU B 65 0.34 -19.05 -4.24
C LEU B 65 1.41 -18.18 -4.88
N ASN B 66 1.36 -16.87 -4.66
CA ASN B 66 2.30 -15.95 -5.28
C ASN B 66 3.71 -16.14 -4.72
N ASN B 67 4.69 -15.67 -5.51
CA ASN B 67 6.10 -15.66 -5.10
C ASN B 67 6.60 -17.06 -4.76
N ASN B 68 6.36 -18.01 -5.65
CA ASN B 68 6.99 -19.32 -5.58
C ASN B 68 7.76 -19.56 -6.87
N GLN B 69 8.01 -20.82 -7.20
CA GLN B 69 8.79 -21.17 -8.38
C GLN B 69 8.02 -22.13 -9.28
N LEU B 70 6.71 -21.93 -9.37
CA LEU B 70 5.88 -22.78 -10.22
C LEU B 70 6.14 -22.47 -11.69
N THR B 71 6.33 -23.51 -12.50
CA THR B 71 6.46 -23.35 -13.94
C THR B 71 5.26 -23.85 -14.72
N SER B 72 4.45 -24.73 -14.13
CA SER B 72 3.23 -25.21 -14.76
C SER B 72 2.24 -25.59 -13.67
N LEU B 73 1.00 -25.86 -14.08
CA LEU B 73 -0.03 -26.31 -13.16
C LEU B 73 -0.72 -27.55 -13.73
N PRO B 74 -1.02 -28.53 -12.90
CA PRO B 74 -1.77 -29.69 -13.39
C PRO B 74 -3.23 -29.33 -13.63
N ALA B 75 -3.80 -29.96 -14.66
CA ALA B 75 -5.22 -29.76 -14.96
C ALA B 75 -6.08 -30.21 -13.79
N GLY B 76 -7.14 -29.46 -13.51
CA GLY B 76 -8.02 -29.79 -12.41
C GLY B 76 -7.50 -29.40 -11.03
N LEU B 77 -6.40 -28.64 -10.96
CA LEU B 77 -5.80 -28.32 -9.67
C LEU B 77 -6.79 -27.61 -8.76
N PHE B 78 -7.61 -26.71 -9.30
CA PHE B 78 -8.52 -25.89 -8.51
C PHE B 78 -9.97 -26.36 -8.59
N ASP B 79 -10.23 -27.57 -9.11
CA ASP B 79 -11.59 -27.96 -9.45
C ASP B 79 -12.50 -28.08 -8.23
N SER B 80 -11.96 -28.39 -7.06
CA SER B 80 -12.78 -28.53 -5.85
C SER B 80 -13.02 -27.22 -5.13
N LEU B 81 -12.35 -26.14 -5.50
CA LEU B 81 -12.38 -24.89 -4.74
C LEU B 81 -13.44 -23.94 -5.29
N THR B 82 -14.69 -24.42 -5.27
CA THR B 82 -15.79 -23.67 -5.87
C THR B 82 -16.11 -22.37 -5.11
N GLN B 83 -15.71 -22.27 -3.85
CA GLN B 83 -15.95 -21.07 -3.07
C GLN B 83 -14.82 -20.04 -3.18
N LEU B 84 -13.83 -20.29 -4.02
CA LEU B 84 -12.68 -19.40 -4.11
C LEU B 84 -13.08 -18.06 -4.72
N THR B 85 -12.71 -16.97 -4.05
CA THR B 85 -12.93 -15.64 -4.57
C THR B 85 -11.66 -14.88 -4.88
N ILE B 86 -10.53 -15.27 -4.29
CA ILE B 86 -9.23 -14.67 -4.56
C ILE B 86 -8.23 -15.77 -4.84
N LEU B 87 -7.55 -15.69 -5.98
CA LEU B 87 -6.50 -16.62 -6.36
C LEU B 87 -5.30 -15.83 -6.85
N ALA B 88 -4.16 -15.99 -6.17
CA ALA B 88 -2.94 -15.27 -6.50
C ALA B 88 -1.91 -16.26 -7.03
N LEU B 89 -1.50 -16.07 -8.28
CA LEU B 89 -0.44 -16.88 -8.88
C LEU B 89 0.70 -16.02 -9.40
N ASP B 90 0.72 -14.74 -9.04
CA ASP B 90 1.72 -13.81 -9.56
C ASP B 90 3.10 -14.12 -8.99
N SER B 91 4.12 -13.69 -9.72
CA SER B 91 5.52 -13.83 -9.31
C SER B 91 5.91 -15.30 -9.15
N ASN B 92 5.42 -16.15 -10.04
CA ASN B 92 5.99 -17.48 -10.23
C ASN B 92 6.80 -17.46 -11.51
N GLN B 93 6.92 -18.61 -12.18
CA GLN B 93 7.56 -18.69 -13.49
C GLN B 93 6.70 -19.47 -14.46
N LEU B 94 5.38 -19.25 -14.38
CA LEU B 94 4.45 -20.01 -15.21
C LEU B 94 4.67 -19.71 -16.68
N GLN B 95 5.00 -20.75 -17.45
CA GLN B 95 5.16 -20.59 -18.89
C GLN B 95 3.84 -20.71 -19.64
N ALA B 96 2.86 -21.40 -19.06
CA ALA B 96 1.56 -21.59 -19.69
C ALA B 96 0.59 -22.11 -18.64
N LEU B 97 -0.70 -22.08 -19.00
CA LEU B 97 -1.77 -22.61 -18.18
C LEU B 97 -2.49 -23.74 -18.92
N PRO B 98 -2.96 -24.76 -18.21
CA PRO B 98 -3.72 -25.82 -18.87
C PRO B 98 -5.13 -25.35 -19.20
N VAL B 99 -5.73 -26.04 -20.18
CA VAL B 99 -7.10 -25.72 -20.58
C VAL B 99 -8.04 -25.92 -19.40
N GLY B 100 -8.90 -24.92 -19.17
CA GLY B 100 -9.93 -25.05 -18.16
C GLY B 100 -9.46 -24.97 -16.73
N VAL B 101 -8.29 -24.37 -16.48
CA VAL B 101 -7.72 -24.39 -15.14
C VAL B 101 -8.58 -23.61 -14.15
N PHE B 102 -9.29 -22.59 -14.62
CA PHE B 102 -10.14 -21.76 -13.77
C PHE B 102 -11.62 -22.04 -13.96
N GLY B 103 -11.97 -23.07 -14.74
CA GLY B 103 -13.34 -23.26 -15.19
C GLY B 103 -14.35 -23.50 -14.08
N ARG B 104 -13.91 -24.01 -12.92
CA ARG B 104 -14.80 -24.29 -11.81
C ARG B 104 -14.88 -23.16 -10.80
N LEU B 105 -14.09 -22.11 -10.96
CA LEU B 105 -14.02 -21.02 -9.99
C LEU B 105 -15.04 -19.93 -10.36
N VAL B 106 -16.32 -20.31 -10.37
CA VAL B 106 -17.37 -19.42 -10.84
C VAL B 106 -17.52 -18.19 -9.94
N ASP B 107 -17.10 -18.26 -8.69
CA ASP B 107 -17.22 -17.15 -7.76
C ASP B 107 -15.95 -16.32 -7.66
N LEU B 108 -14.97 -16.56 -8.53
CA LEU B 108 -13.70 -15.85 -8.43
C LEU B 108 -13.89 -14.37 -8.69
N GLN B 109 -13.28 -13.54 -7.83
CA GLN B 109 -13.37 -12.10 -7.94
C GLN B 109 -12.04 -11.42 -8.24
N GLN B 110 -10.92 -12.01 -7.80
CA GLN B 110 -9.60 -11.46 -8.05
C GLN B 110 -8.69 -12.57 -8.54
N LEU B 111 -8.02 -12.34 -9.67
CA LEU B 111 -7.09 -13.29 -10.27
C LEU B 111 -5.78 -12.57 -10.56
N TYR B 112 -4.70 -13.01 -9.91
CA TYR B 112 -3.38 -12.42 -10.06
C TYR B 112 -2.52 -13.36 -10.88
N LEU B 113 -2.05 -12.88 -12.05
CA LEU B 113 -1.19 -13.67 -12.93
C LEU B 113 0.06 -12.91 -13.34
N GLY B 114 0.32 -11.74 -12.75
CA GLY B 114 1.46 -10.95 -13.17
C GLY B 114 2.79 -11.56 -12.81
N SER B 115 3.84 -11.04 -13.46
CA SER B 115 5.23 -11.41 -13.14
C SER B 115 5.47 -12.91 -13.30
N ASN B 116 4.95 -13.48 -14.38
CA ASN B 116 5.23 -14.86 -14.75
C ASN B 116 5.95 -14.84 -16.10
N GLN B 117 5.90 -15.95 -16.82
CA GLN B 117 6.48 -16.03 -18.16
C GLN B 117 5.43 -16.40 -19.19
N LEU B 118 4.18 -15.99 -18.96
CA LEU B 118 3.09 -16.33 -19.85
C LEU B 118 3.19 -15.55 -21.15
N SER B 119 3.13 -16.26 -22.28
CA SER B 119 3.10 -15.63 -23.59
C SER B 119 1.73 -15.71 -24.25
N ALA B 120 0.81 -16.51 -23.70
CA ALA B 120 -0.56 -16.61 -24.16
C ALA B 120 -1.37 -17.32 -23.08
N LEU B 121 -2.68 -17.36 -23.29
CA LEU B 121 -3.60 -18.05 -22.41
C LEU B 121 -4.51 -18.94 -23.24
N PRO B 122 -5.04 -20.02 -22.66
CA PRO B 122 -6.05 -20.81 -23.37
C PRO B 122 -7.23 -19.96 -23.79
N SER B 123 -7.88 -20.36 -24.87
CA SER B 123 -8.88 -19.51 -25.52
C SER B 123 -10.06 -19.24 -24.60
N ALA B 124 -10.47 -20.23 -23.81
CA ALA B 124 -11.63 -20.12 -22.93
C ALA B 124 -11.24 -19.92 -21.47
N VAL B 125 -10.06 -19.33 -21.22
CA VAL B 125 -9.51 -19.31 -19.86
C VAL B 125 -10.41 -18.56 -18.89
N PHE B 126 -11.09 -17.52 -19.35
CA PHE B 126 -11.90 -16.66 -18.49
C PHE B 126 -13.40 -16.85 -18.69
N ASP B 127 -13.81 -17.81 -19.50
CA ASP B 127 -15.20 -17.87 -19.95
C ASP B 127 -16.19 -18.10 -18.81
N ARG B 128 -15.77 -18.77 -17.73
CA ARG B 128 -16.66 -19.08 -16.62
C ARG B 128 -16.55 -18.12 -15.45
N LEU B 129 -15.62 -17.17 -15.50
CA LEU B 129 -15.39 -16.23 -14.41
C LEU B 129 -16.38 -15.06 -14.54
N VAL B 130 -17.65 -15.39 -14.35
CA VAL B 130 -18.77 -14.47 -14.60
C VAL B 130 -18.86 -13.38 -13.53
N HIS B 131 -17.97 -13.42 -12.53
CA HIS B 131 -17.98 -12.43 -11.46
C HIS B 131 -16.65 -11.70 -11.29
N LEU B 132 -15.71 -11.87 -12.20
CA LEU B 132 -14.36 -11.36 -11.99
C LEU B 132 -14.34 -9.84 -11.97
N LYS B 133 -13.67 -9.27 -10.96
CA LYS B 133 -13.54 -7.82 -10.82
C LYS B 133 -12.13 -7.31 -11.05
N GLU B 134 -11.11 -8.11 -10.77
CA GLU B 134 -9.72 -7.69 -10.90
C GLU B 134 -8.95 -8.78 -11.63
N LEU B 135 -8.35 -8.41 -12.76
CA LEU B 135 -7.49 -9.31 -13.53
C LEU B 135 -6.15 -8.61 -13.73
N LEU B 136 -5.11 -9.15 -13.09
CA LEU B 136 -3.82 -8.49 -13.01
C LEU B 136 -2.78 -9.38 -13.69
N MET B 137 -2.28 -8.91 -14.84
CA MET B 137 -1.46 -9.71 -15.73
C MET B 137 -0.21 -8.98 -16.21
N CYS B 138 0.35 -8.11 -15.37
CA CYS B 138 1.56 -7.40 -15.76
C CYS B 138 2.71 -8.35 -15.98
N CYS B 139 3.77 -7.82 -16.59
CA CYS B 139 5.11 -8.38 -16.46
C CYS B 139 5.17 -9.81 -16.98
N ASN B 140 4.43 -10.07 -18.07
CA ASN B 140 4.52 -11.34 -18.78
C ASN B 140 5.05 -11.09 -20.19
N LYS B 141 4.80 -12.02 -21.10
CA LYS B 141 5.25 -11.87 -22.49
C LYS B 141 4.08 -11.91 -23.47
N LEU B 142 2.93 -11.39 -23.06
CA LEU B 142 1.75 -11.39 -23.91
C LEU B 142 1.99 -10.51 -25.14
N THR B 143 1.73 -11.08 -26.33
CA THR B 143 1.84 -10.33 -27.58
C THR B 143 0.48 -9.95 -28.16
N GLU B 144 -0.60 -10.57 -27.67
CA GLU B 144 -1.95 -10.22 -28.06
C GLU B 144 -2.82 -10.22 -26.81
N LEU B 145 -3.86 -9.41 -26.83
CA LEU B 145 -4.83 -9.40 -25.74
C LEU B 145 -5.54 -10.75 -25.68
N PRO B 146 -5.50 -11.45 -24.55
CA PRO B 146 -6.22 -12.74 -24.46
C PRO B 146 -7.70 -12.58 -24.78
N ARG B 147 -8.19 -13.43 -25.67
CA ARG B 147 -9.61 -13.44 -25.97
C ARG B 147 -10.40 -13.85 -24.74
N GLY B 148 -11.56 -13.22 -24.55
CA GLY B 148 -12.41 -13.44 -23.39
C GLY B 148 -12.41 -12.31 -22.40
N ILE B 149 -11.36 -11.49 -22.38
CA ILE B 149 -11.36 -10.30 -21.52
C ILE B 149 -12.46 -9.34 -21.94
N GLU B 150 -12.82 -9.34 -23.24
CA GLU B 150 -13.87 -8.47 -23.75
C GLU B 150 -15.21 -8.70 -23.05
N ARG B 151 -15.43 -9.88 -22.46
CA ARG B 151 -16.70 -10.23 -21.86
C ARG B 151 -16.70 -10.12 -20.34
N LEU B 152 -15.57 -9.76 -19.74
CA LEU B 152 -15.48 -9.60 -18.28
C LEU B 152 -16.01 -8.22 -17.88
N THR B 153 -17.34 -8.09 -17.96
CA THR B 153 -17.98 -6.79 -17.86
C THR B 153 -17.94 -6.21 -16.44
N HIS B 154 -17.62 -7.01 -15.43
CA HIS B 154 -17.59 -6.54 -14.05
C HIS B 154 -16.19 -6.12 -13.61
N LEU B 155 -15.22 -6.12 -14.52
CA LEU B 155 -13.86 -5.76 -14.15
C LEU B 155 -13.78 -4.31 -13.70
N THR B 156 -13.14 -4.09 -12.55
CA THR B 156 -12.74 -2.74 -12.14
C THR B 156 -11.26 -2.49 -12.30
N HIS B 157 -10.44 -3.54 -12.25
CA HIS B 157 -9.00 -3.43 -12.41
C HIS B 157 -8.55 -4.38 -13.51
N LEU B 158 -7.87 -3.84 -14.51
CA LEU B 158 -7.26 -4.63 -15.57
C LEU B 158 -5.82 -4.16 -15.75
N ALA B 159 -4.86 -5.04 -15.45
CA ALA B 159 -3.44 -4.71 -15.51
C ALA B 159 -2.81 -5.49 -16.65
N LEU B 160 -2.38 -4.76 -17.69
CA LEU B 160 -1.70 -5.34 -18.84
C LEU B 160 -0.30 -4.77 -19.03
N ASP B 161 0.23 -4.06 -18.03
CA ASP B 161 1.48 -3.34 -18.21
C ASP B 161 2.66 -4.28 -18.35
N GLN B 162 3.70 -3.81 -19.02
CA GLN B 162 4.99 -4.50 -19.12
C GLN B 162 4.85 -5.88 -19.76
N ASN B 163 4.09 -5.93 -20.86
CA ASN B 163 4.01 -7.08 -21.73
C ASN B 163 4.67 -6.74 -23.07
N GLN B 164 4.25 -7.44 -24.13
CA GLN B 164 4.77 -7.19 -25.47
C GLN B 164 3.62 -6.88 -26.44
N LEU B 165 2.59 -6.22 -25.93
CA LEU B 165 1.41 -5.87 -26.72
C LEU B 165 1.73 -4.71 -27.65
N LYS B 166 1.30 -4.82 -28.90
CA LYS B 166 1.48 -3.75 -29.88
C LYS B 166 0.19 -3.05 -30.27
N SER B 167 -0.96 -3.65 -29.99
CA SER B 167 -2.25 -3.01 -30.20
C SER B 167 -3.30 -3.76 -29.39
N ILE B 168 -4.50 -3.18 -29.36
CA ILE B 168 -5.66 -3.79 -28.71
C ILE B 168 -6.72 -4.03 -29.79
N PRO B 169 -7.31 -5.22 -29.87
CA PRO B 169 -8.32 -5.46 -30.91
C PRO B 169 -9.48 -4.48 -30.78
N HIS B 170 -10.03 -4.11 -31.92
CA HIS B 170 -11.10 -3.10 -31.95
C HIS B 170 -12.25 -3.50 -31.05
N GLY B 171 -12.69 -2.55 -30.22
CA GLY B 171 -13.85 -2.75 -29.37
C GLY B 171 -13.61 -3.60 -28.14
N ALA B 172 -12.35 -4.01 -27.88
CA ALA B 172 -12.10 -5.00 -26.83
C ALA B 172 -12.48 -4.49 -25.44
N PHE B 173 -12.35 -3.19 -25.20
CA PHE B 173 -12.63 -2.61 -23.90
C PHE B 173 -14.01 -1.98 -23.80
N ASP B 174 -14.80 -2.02 -24.87
CA ASP B 174 -16.02 -1.22 -24.93
C ASP B 174 -17.08 -1.68 -23.93
N ARG B 175 -17.07 -2.95 -23.54
CA ARG B 175 -18.06 -3.48 -22.61
C ARG B 175 -17.58 -3.47 -21.16
N LEU B 176 -16.39 -2.95 -20.90
CA LEU B 176 -15.84 -2.89 -19.54
C LEU B 176 -16.21 -1.56 -18.88
N SER B 177 -17.52 -1.37 -18.69
CA SER B 177 -18.05 -0.08 -18.24
C SER B 177 -17.80 0.17 -16.77
N SER B 178 -17.31 -0.80 -16.00
CA SER B 178 -17.00 -0.62 -14.60
C SER B 178 -15.52 -0.37 -14.33
N LEU B 179 -14.69 -0.31 -15.38
CA LEU B 179 -13.26 -0.13 -15.19
C LEU B 179 -12.95 1.18 -14.49
N THR B 180 -12.16 1.10 -13.42
CA THR B 180 -11.58 2.27 -12.78
C THR B 180 -10.07 2.32 -12.86
N HIS B 181 -9.40 1.19 -13.09
CA HIS B 181 -7.94 1.12 -13.15
C HIS B 181 -7.55 0.29 -14.36
N ALA B 182 -6.89 0.92 -15.33
CA ALA B 182 -6.37 0.23 -16.50
C ALA B 182 -4.89 0.56 -16.62
N TYR B 183 -4.05 -0.47 -16.65
CA TYR B 183 -2.62 -0.31 -16.72
C TYR B 183 -2.14 -0.77 -18.10
N LEU B 184 -1.51 0.15 -18.84
CA LEU B 184 -1.11 -0.11 -20.21
C LEU B 184 0.35 0.21 -20.51
N PHE B 185 1.08 0.81 -19.57
CA PHE B 185 2.46 1.22 -19.82
C PHE B 185 3.37 0.00 -19.99
N GLY B 186 4.59 0.26 -20.43
CA GLY B 186 5.57 -0.79 -20.56
C GLY B 186 5.32 -1.76 -21.69
N ASN B 187 4.45 -1.39 -22.64
CA ASN B 187 4.19 -2.17 -23.84
C ASN B 187 4.70 -1.43 -25.07
N PRO B 188 5.25 -2.18 -26.09
CA PRO B 188 5.76 -1.54 -27.31
C PRO B 188 4.64 -1.24 -28.32
N TRP B 189 3.74 -0.34 -27.95
CA TRP B 189 2.60 -0.01 -28.80
C TRP B 189 3.08 0.48 -30.15
N ASP B 190 2.60 -0.17 -31.21
CA ASP B 190 3.07 0.10 -32.58
C ASP B 190 2.18 1.20 -33.16
N CYS B 191 2.62 2.44 -33.01
CA CYS B 191 1.82 3.60 -33.41
C CYS B 191 1.93 3.92 -34.90
N GLU B 192 2.76 3.22 -35.66
CA GLU B 192 2.74 3.34 -37.10
C GLU B 192 1.67 2.47 -37.74
N CYS B 193 1.26 1.41 -37.05
CA CYS B 193 0.25 0.49 -37.58
C CYS B 193 -1.15 1.05 -37.37
N ARG B 194 -1.99 0.90 -38.40
CA ARG B 194 -3.33 1.47 -38.36
C ARG B 194 -4.18 0.87 -37.23
N ASP B 195 -3.85 -0.35 -36.79
CA ASP B 195 -4.59 -1.00 -35.71
C ASP B 195 -4.46 -0.29 -34.37
N ILE B 196 -3.49 0.61 -34.21
CA ILE B 196 -3.33 1.34 -32.96
C ILE B 196 -4.51 2.28 -32.70
N MET B 197 -5.33 2.57 -33.70
CA MET B 197 -6.31 3.64 -33.57
C MET B 197 -7.37 3.34 -32.51
N TYR B 198 -7.73 2.08 -32.30
CA TYR B 198 -8.72 1.78 -31.27
C TYR B 198 -8.20 2.15 -29.88
N LEU B 199 -6.97 1.73 -29.55
CA LEU B 199 -6.42 2.07 -28.24
C LEU B 199 -6.25 3.57 -28.10
N ARG B 200 -5.79 4.25 -29.16
CA ARG B 200 -5.70 5.70 -29.15
C ARG B 200 -7.04 6.34 -28.84
N ASN B 201 -8.09 5.92 -29.55
CA ASN B 201 -9.40 6.51 -29.35
C ASN B 201 -9.98 6.14 -27.99
N TRP B 202 -9.72 4.92 -27.51
CA TRP B 202 -10.25 4.52 -26.22
C TRP B 202 -9.61 5.29 -25.08
N VAL B 203 -8.28 5.45 -25.13
CA VAL B 203 -7.59 6.20 -24.07
C VAL B 203 -8.07 7.64 -24.05
N ALA B 204 -8.28 8.24 -25.22
CA ALA B 204 -8.75 9.61 -25.28
C ALA B 204 -10.12 9.77 -24.64
N ASP B 205 -10.93 8.72 -24.64
CA ASP B 205 -12.23 8.75 -23.99
C ASP B 205 -12.21 8.29 -22.54
N HIS B 206 -11.05 7.81 -22.05
CA HIS B 206 -10.98 7.24 -20.71
C HIS B 206 -9.67 7.68 -20.02
N THR B 207 -9.37 8.97 -20.08
CA THR B 207 -8.10 9.45 -19.55
C THR B 207 -8.02 9.33 -18.03
N SER B 208 -9.16 9.37 -17.33
CA SER B 208 -9.15 9.38 -15.87
C SER B 208 -8.88 8.01 -15.26
N ILE B 209 -8.92 6.92 -16.05
CA ILE B 209 -8.74 5.58 -15.50
C ILE B 209 -7.47 4.92 -16.00
N VAL B 210 -6.70 5.57 -16.88
CA VAL B 210 -5.44 5.01 -17.34
C VAL B 210 -4.38 5.30 -16.29
N MET B 211 -3.76 4.26 -15.76
CA MET B 211 -2.88 4.36 -14.60
C MET B 211 -1.48 3.86 -14.94
N ARG B 212 -0.49 4.46 -14.27
CA ARG B 212 0.84 3.91 -14.16
C ARG B 212 1.09 3.49 -12.72
N TRP B 213 2.27 2.94 -12.45
CA TRP B 213 2.55 2.32 -11.14
C TRP B 213 3.88 2.79 -10.59
N ASP B 214 3.84 3.53 -9.47
CA ASP B 214 5.03 3.82 -8.66
C ASP B 214 4.73 3.48 -7.20
N GLY B 215 4.55 2.19 -6.93
CA GLY B 215 4.09 1.69 -5.65
C GLY B 215 2.59 1.66 -5.46
N LYS B 216 1.84 2.42 -6.25
CA LYS B 216 0.40 2.30 -6.33
C LYS B 216 -0.06 3.00 -7.61
N ALA B 217 -1.36 2.95 -7.87
CA ALA B 217 -1.89 3.53 -9.09
C ALA B 217 -1.74 5.05 -9.09
N VAL B 218 -1.31 5.58 -10.23
CA VAL B 218 -1.23 7.02 -10.47
C VAL B 218 -1.84 7.29 -11.82
N ASN B 219 -2.87 8.13 -11.85
CA ASN B 219 -3.53 8.46 -13.11
C ASN B 219 -2.57 9.19 -14.03
N ASP B 220 -2.30 8.60 -15.20
CA ASP B 220 -1.37 9.18 -16.17
C ASP B 220 -1.76 8.66 -17.54
N PRO B 221 -2.62 9.39 -18.26
CA PRO B 221 -3.07 8.91 -19.58
C PRO B 221 -1.97 8.87 -20.62
N ASP B 222 -0.83 9.51 -20.38
CA ASP B 222 0.29 9.48 -21.32
C ASP B 222 1.21 8.29 -21.10
N SER B 223 0.93 7.44 -20.10
CA SER B 223 1.84 6.34 -19.79
C SER B 223 1.81 5.25 -20.85
N ALA B 224 0.76 5.17 -21.67
CA ALA B 224 0.78 4.30 -22.84
C ALA B 224 1.58 5.01 -23.93
N LYS B 225 2.79 4.50 -24.21
CA LYS B 225 3.73 5.20 -25.06
C LYS B 225 4.02 4.40 -26.33
N CYS B 226 4.30 5.15 -27.40
CA CYS B 226 4.65 4.54 -28.68
C CYS B 226 6.07 3.99 -28.66
N ALA B 227 6.24 2.79 -29.20
CA ALA B 227 7.57 2.23 -29.32
C ALA B 227 8.42 3.06 -30.28
N GLY B 228 9.70 3.21 -29.95
CA GLY B 228 10.63 3.91 -30.81
C GLY B 228 10.66 5.42 -30.68
N THR B 229 9.50 6.05 -30.52
CA THR B 229 9.43 7.48 -30.31
C THR B 229 9.02 7.90 -28.91
N ASN B 230 8.39 6.99 -28.14
CA ASN B 230 8.09 7.21 -26.72
C ASN B 230 7.17 8.41 -26.50
N THR B 231 6.31 8.71 -27.48
CA THR B 231 5.28 9.73 -27.44
C THR B 231 3.94 9.09 -27.06
N PRO B 232 3.02 9.83 -26.46
CA PRO B 232 1.80 9.18 -25.94
C PRO B 232 0.97 8.57 -27.05
N VAL B 233 0.40 7.39 -26.74
CA VAL B 233 -0.46 6.71 -27.72
C VAL B 233 -1.69 7.54 -28.04
N ARG B 234 -2.23 8.24 -27.04
CA ARG B 234 -3.46 9.00 -27.24
C ARG B 234 -3.27 10.22 -28.12
N ALA B 235 -2.04 10.63 -28.38
CA ALA B 235 -1.75 11.75 -29.25
C ALA B 235 -1.61 11.36 -30.71
N VAL B 236 -1.69 10.06 -31.02
CA VAL B 236 -1.45 9.60 -32.38
C VAL B 236 -2.56 10.09 -33.31
N THR B 237 -2.17 10.58 -34.47
CA THR B 237 -3.10 10.98 -35.51
C THR B 237 -3.29 9.83 -36.50
N GLU B 238 -4.53 9.63 -36.93
CA GLU B 238 -4.84 8.53 -37.84
C GLU B 238 -4.02 8.64 -39.12
N ALA B 239 -3.79 9.85 -39.61
CA ALA B 239 -3.07 10.04 -40.87
C ALA B 239 -1.62 9.57 -40.78
N SER B 240 -1.05 9.51 -39.57
CA SER B 240 0.31 9.03 -39.40
C SER B 240 0.42 7.51 -39.39
N THR B 241 -0.72 6.80 -39.42
CA THR B 241 -0.74 5.35 -39.39
C THR B 241 -1.08 4.80 -40.77
N SER B 242 -0.78 3.51 -40.95
CA SER B 242 -1.01 2.85 -42.22
C SER B 242 -1.33 1.38 -41.97
N PRO B 243 -2.28 0.80 -42.70
CA PRO B 243 -2.51 -0.65 -42.59
C PRO B 243 -1.32 -1.47 -43.05
N SER B 244 -0.46 -0.93 -43.91
CA SER B 244 0.67 -1.66 -44.46
C SER B 244 1.86 -1.72 -43.51
N LYS B 245 1.85 -0.96 -42.42
CA LYS B 245 2.94 -0.94 -41.45
C LYS B 245 2.56 -1.68 -40.18
N CYS B 246 1.80 -2.78 -40.33
CA CYS B 246 1.38 -3.58 -39.21
C CYS B 246 2.15 -4.89 -39.20
N PRO B 247 2.69 -5.31 -38.03
CA PRO B 247 3.58 -6.45 -37.76
C PRO B 247 3.48 -7.60 -38.76
#